data_3MCS
#
_entry.id   3MCS
#
_cell.length_a   51.851
_cell.length_b   66.243
_cell.length_c   66.763
_cell.angle_alpha   90.000
_cell.angle_beta   98.410
_cell.angle_gamma   90.000
#
_symmetry.space_group_name_H-M   'P 1 21 1'
#
loop_
_entity.id
_entity.type
_entity.pdbx_description
1 polymer 'Putative monooxygenase'
2 non-polymer 'ACETATE ION'
3 water water
#
_entity_poly.entity_id   1
_entity_poly.type   'polypeptide(L)'
_entity_poly.pdbx_seq_one_letter_code
;G(MSE)YAVPILNVYDFEVKKDKETSYKSATEDYVNKT(MSE)GVEQGVLGLFAATDERDKTTSYIVEIYNDYLAFSNHT
KNQASKDFKAVIPQIAEGNLNSAEIDVQIAKDKKIEQNDNTFAVYTVIDVKPENDKEFAEIIKNIVETTFNEEGTLLVYL
GTDRRNFNKWCLFEVYKDIDSYLNHRSAKYFKDYITQTKD(MSE)IAGKKRAELQVLKIENKGGLDYKKLY
;
_entity_poly.pdbx_strand_id   A,B
#
# COMPACT_ATOMS: atom_id res chain seq x y z
N TYR A 3 -0.51 -1.86 15.51
CA TYR A 3 -0.81 -2.97 14.60
C TYR A 3 -1.06 -2.49 13.13
N ALA A 4 -0.98 -1.17 12.93
CA ALA A 4 -1.21 -0.53 11.65
C ALA A 4 0.11 -0.26 10.91
N VAL A 5 0.05 -0.34 9.59
CA VAL A 5 1.21 -0.11 8.72
C VAL A 5 1.23 1.35 8.33
N PRO A 6 2.35 2.05 8.59
CA PRO A 6 2.39 3.45 8.18
C PRO A 6 2.47 3.64 6.65
N ILE A 7 1.77 4.65 6.15
CA ILE A 7 1.78 4.95 4.73
C ILE A 7 2.71 6.13 4.47
N LEU A 8 3.75 5.89 3.68
CA LEU A 8 4.75 6.88 3.30
C LEU A 8 4.80 6.97 1.77
N ASN A 9 4.35 8.13 1.25
CA ASN A 9 4.32 8.42 -0.17
C ASN A 9 5.15 9.67 -0.45
N VAL A 10 5.95 9.62 -1.51
CA VAL A 10 6.79 10.73 -1.92
C VAL A 10 6.35 11.13 -3.31
N TYR A 11 5.77 12.31 -3.43
CA TYR A 11 5.27 12.82 -4.70
C TYR A 11 6.23 13.84 -5.30
N ASP A 12 6.50 13.76 -6.60
CA ASP A 12 7.33 14.78 -7.24
C ASP A 12 6.81 15.23 -8.60
N PHE A 13 7.09 16.45 -8.99
CA PHE A 13 6.66 16.93 -10.31
C PHE A 13 7.42 18.18 -10.70
N GLU A 14 7.49 18.41 -12.01
CA GLU A 14 8.18 19.55 -12.55
C GLU A 14 7.28 20.79 -12.51
N VAL A 15 7.82 21.91 -12.04
CA VAL A 15 7.03 23.15 -11.92
C VAL A 15 7.15 23.99 -13.20
N LYS A 16 6.03 24.50 -13.67
CA LYS A 16 6.05 25.37 -14.85
C LYS A 16 7.00 26.56 -14.66
N LYS A 17 7.59 27.01 -15.77
CA LYS A 17 8.54 28.11 -15.76
C LYS A 17 8.11 29.32 -14.91
N ASP A 18 7.02 29.95 -15.29
CA ASP A 18 6.61 31.20 -14.65
C ASP A 18 5.55 31.05 -13.55
N LYS A 19 5.54 29.90 -12.86
CA LYS A 19 4.55 29.65 -11.81
C LYS A 19 5.12 29.25 -10.43
N GLU A 20 6.37 29.58 -10.18
CA GLU A 20 6.96 29.27 -8.89
C GLU A 20 6.16 29.93 -7.79
N THR A 21 5.75 31.17 -7.96
CA THR A 21 4.97 31.84 -6.92
C THR A 21 3.69 31.08 -6.58
N SER A 22 2.94 30.69 -7.60
CA SER A 22 1.69 29.97 -7.38
C SER A 22 1.96 28.63 -6.74
N TYR A 23 3.04 27.98 -7.18
CA TYR A 23 3.44 26.69 -6.62
C TYR A 23 3.69 26.79 -5.11
N LYS A 24 4.46 27.80 -4.68
CA LYS A 24 4.82 27.94 -3.25
C LYS A 24 3.59 28.22 -2.36
N SER A 25 2.74 29.14 -2.81
CA SER A 25 1.50 29.50 -2.13
C SER A 25 0.56 28.33 -1.92
N ALA A 26 0.32 27.58 -3.01
CA ALA A 26 -0.57 26.44 -2.99
C ALA A 26 0.00 25.29 -2.16
N THR A 27 1.31 25.09 -2.19
CA THR A 27 1.91 24.03 -1.37
C THR A 27 1.88 24.43 0.10
N GLU A 28 2.14 25.70 0.40
CA GLU A 28 2.06 26.18 1.78
C GLU A 28 0.65 25.96 2.35
N ASP A 29 -0.38 26.41 1.61
CA ASP A 29 -1.75 26.23 2.04
C ASP A 29 -2.05 24.75 2.27
N TYR A 30 -1.62 23.90 1.35
CA TYR A 30 -1.92 22.47 1.44
C TYR A 30 -1.35 21.85 2.68
N VAL A 31 -0.09 22.17 2.94
CA VAL A 31 0.60 21.60 4.11
C VAL A 31 -0.02 22.12 5.39
N ASN A 32 -0.32 23.43 5.43
CA ASN A 32 -0.91 24.07 6.61
C ASN A 32 -2.34 23.66 6.92
N LYS A 33 -3.14 23.44 5.87
CA LYS A 33 -4.55 23.10 6.07
C LYS A 33 -4.68 21.63 6.41
N THR A 34 -3.79 20.81 5.86
CA THR A 34 -3.81 19.37 6.14
C THR A 34 -3.48 19.04 7.59
N GLY A 36 -3.11 21.10 10.16
CA GLY A 36 -3.87 21.82 11.16
C GLY A 36 -5.22 21.21 11.50
N VAL A 37 -5.82 20.50 10.55
CA VAL A 37 -7.18 20.01 10.67
C VAL A 37 -7.41 18.49 10.60
N GLU A 38 -6.59 17.76 9.85
CA GLU A 38 -6.87 16.34 9.62
C GLU A 38 -6.28 15.33 10.61
N GLN A 39 -6.97 14.20 10.73
CA GLN A 39 -6.59 13.11 11.61
C GLN A 39 -5.76 12.04 10.92
N GLY A 40 -4.85 11.43 11.68
CA GLY A 40 -4.00 10.36 11.19
C GLY A 40 -2.84 10.80 10.31
N VAL A 41 -2.63 12.10 10.20
CA VAL A 41 -1.56 12.62 9.38
C VAL A 41 -0.37 12.82 10.29
N LEU A 42 0.72 12.08 10.03
CA LEU A 42 1.90 12.13 10.89
C LEU A 42 2.87 13.27 10.55
N GLY A 43 2.84 13.71 9.30
CA GLY A 43 3.69 14.77 8.86
C GLY A 43 3.67 14.97 7.35
N LEU A 44 3.89 16.22 6.93
CA LEU A 44 4.00 16.58 5.51
C LEU A 44 5.24 17.45 5.35
N PHE A 45 5.99 17.19 4.28
CA PHE A 45 7.25 17.89 4.07
C PHE A 45 7.38 18.33 2.62
N ALA A 46 7.23 19.61 2.36
CA ALA A 46 7.38 20.13 1.00
C ALA A 46 8.77 20.74 0.82
N ALA A 47 9.47 20.32 -0.22
CA ALA A 47 10.80 20.81 -0.55
C ALA A 47 10.89 21.03 -2.05
N THR A 48 12.01 21.58 -2.52
CA THR A 48 12.20 21.87 -3.93
C THR A 48 13.62 21.57 -4.36
N ASP A 49 13.77 21.06 -5.58
CA ASP A 49 15.07 20.86 -6.23
C ASP A 49 15.08 21.84 -7.40
N GLU A 50 15.93 22.85 -7.36
CA GLU A 50 15.96 23.86 -8.43
C GLU A 50 17.03 23.66 -9.52
N ARG A 51 17.80 22.58 -9.42
CA ARG A 51 18.80 22.27 -10.43
C ARG A 51 18.14 21.93 -11.75
N ASP A 52 18.68 22.43 -12.86
CA ASP A 52 18.13 22.17 -14.22
C ASP A 52 16.72 22.71 -14.44
N LYS A 53 15.75 22.04 -13.83
CA LYS A 53 14.34 22.37 -13.96
C LYS A 53 13.76 22.21 -12.58
N THR A 54 13.06 23.23 -12.09
CA THR A 54 12.49 23.20 -10.75
C THR A 54 11.57 22.00 -10.54
N THR A 55 11.89 21.14 -9.57
CA THR A 55 11.07 19.98 -9.25
C THR A 55 10.49 20.05 -7.84
N SER A 56 9.20 19.81 -7.70
CA SER A 56 8.56 19.77 -6.39
C SER A 56 8.67 18.38 -5.76
N TYR A 57 9.00 18.31 -4.47
CA TYR A 57 8.95 17.03 -3.75
C TYR A 57 8.08 17.26 -2.54
N ILE A 58 7.20 16.32 -2.26
CA ILE A 58 6.36 16.40 -1.08
C ILE A 58 6.36 15.00 -0.49
N VAL A 59 6.90 14.87 0.71
CA VAL A 59 6.91 13.63 1.46
C VAL A 59 5.69 13.68 2.37
N GLU A 60 4.82 12.70 2.27
CA GLU A 60 3.58 12.65 3.04
C GLU A 60 3.55 11.32 3.80
N ILE A 61 3.26 11.39 5.11
CA ILE A 61 3.24 10.19 5.95
C ILE A 61 2.01 10.15 6.84
N TYR A 62 1.33 9.01 6.79
CA TYR A 62 0.07 8.81 7.52
C TYR A 62 0.11 7.57 8.39
N ASN A 63 -0.80 7.54 9.34
CA ASN A 63 -0.79 6.50 10.32
C ASN A 63 -1.25 5.17 9.73
N ASP A 64 -2.19 5.21 8.79
CA ASP A 64 -2.71 4.00 8.11
C ASP A 64 -3.44 4.35 6.80
N TYR A 65 -3.84 3.34 6.02
CA TYR A 65 -4.46 3.60 4.72
C TYR A 65 -5.82 4.29 4.82
N LEU A 66 -6.50 4.18 5.93
CA LEU A 66 -7.79 4.85 6.06
C LEU A 66 -7.58 6.34 6.24
N ALA A 67 -6.57 6.70 7.05
CA ALA A 67 -6.24 8.10 7.27
C ALA A 67 -5.89 8.74 5.94
N PHE A 68 -5.12 8.00 5.14
CA PHE A 68 -4.72 8.46 3.83
C PHE A 68 -5.92 8.61 2.91
N SER A 69 -6.76 7.58 2.84
CA SER A 69 -7.93 7.64 1.97
C SER A 69 -8.84 8.83 2.31
N ASN A 70 -8.97 9.12 3.60
CA ASN A 70 -9.78 10.25 4.02
C ASN A 70 -9.12 11.57 3.61
N HIS A 71 -7.80 11.62 3.68
CA HIS A 71 -7.07 12.79 3.26
C HIS A 71 -7.31 13.07 1.78
N THR A 72 -7.29 12.03 0.94
CA THR A 72 -7.46 12.29 -0.48
C THR A 72 -8.89 12.75 -0.80
N LYS A 73 -9.81 12.60 0.14
CA LYS A 73 -11.18 13.04 -0.05
C LYS A 73 -11.48 14.37 0.69
N ASN A 74 -10.61 14.79 1.61
CA ASN A 74 -10.85 16.00 2.41
C ASN A 74 -10.53 17.26 1.62
N GLN A 75 -10.87 18.42 2.17
CA GLN A 75 -10.76 19.71 1.45
C GLN A 75 -9.35 20.12 1.06
N ALA A 76 -8.37 19.95 1.94
CA ALA A 76 -7.01 20.38 1.61
C ALA A 76 -6.56 19.81 0.27
N SER A 77 -6.65 18.49 0.16
CA SER A 77 -6.22 17.75 -1.03
C SER A 77 -7.06 18.09 -2.25
N LYS A 78 -8.37 18.19 -2.08
CA LYS A 78 -9.24 18.53 -3.22
C LYS A 78 -8.85 19.91 -3.81
N ASP A 79 -8.45 20.84 -2.94
CA ASP A 79 -8.05 22.15 -3.42
C ASP A 79 -6.72 22.12 -4.14
N PHE A 80 -5.77 21.40 -3.55
CA PHE A 80 -4.43 21.28 -4.12
C PHE A 80 -4.43 20.53 -5.43
N LYS A 81 -5.08 19.38 -5.49
CA LYS A 81 -5.18 18.61 -6.76
C LYS A 81 -5.90 19.40 -7.88
N ALA A 82 -6.70 20.39 -7.49
CA ALA A 82 -7.35 21.28 -8.44
C ALA A 82 -6.35 22.30 -9.04
N VAL A 83 -5.24 22.54 -8.32
CA VAL A 83 -4.23 23.52 -8.75
C VAL A 83 -3.03 22.91 -9.47
N ILE A 84 -2.74 21.65 -9.18
CA ILE A 84 -1.58 21.00 -9.80
C ILE A 84 -1.48 21.25 -11.32
N PRO A 85 -2.54 20.96 -12.07
CA PRO A 85 -2.46 21.17 -13.52
C PRO A 85 -2.02 22.58 -13.95
N GLN A 86 -2.41 23.61 -13.20
CA GLN A 86 -2.04 24.97 -13.56
CA GLN A 86 -2.06 25.02 -13.46
C GLN A 86 -0.56 25.29 -13.24
N ILE A 87 0.04 24.54 -12.32
CA ILE A 87 1.42 24.79 -11.94
C ILE A 87 2.44 23.70 -12.28
N ALA A 88 1.97 22.57 -12.83
CA ALA A 88 2.84 21.46 -13.16
C ALA A 88 3.08 21.35 -14.67
N GLU A 89 4.34 21.22 -15.04
CA GLU A 89 4.71 21.07 -16.44
C GLU A 89 4.49 19.62 -16.88
N GLY A 90 5.03 18.68 -16.12
CA GLY A 90 4.86 17.29 -16.49
C GLY A 90 5.35 16.35 -15.41
N ASN A 91 5.67 15.12 -15.84
CA ASN A 91 6.12 14.02 -14.95
C ASN A 91 5.00 13.53 -14.01
N LEU A 92 4.87 14.18 -12.84
CA LEU A 92 3.83 13.85 -11.84
CA LEU A 92 3.86 13.86 -11.78
C LEU A 92 4.00 12.44 -11.26
N ASN A 93 5.19 12.11 -10.76
CA ASN A 93 5.49 10.79 -10.19
C ASN A 93 5.17 10.67 -8.73
N SER A 94 5.17 9.42 -8.26
CA SER A 94 4.87 9.14 -6.88
C SER A 94 5.40 7.78 -6.49
N ALA A 95 6.23 7.76 -5.48
CA ALA A 95 6.77 6.54 -4.93
C ALA A 95 5.96 6.14 -3.68
N GLU A 96 5.51 4.89 -3.60
CA GLU A 96 4.83 4.38 -2.41
C GLU A 96 5.85 3.51 -1.69
N ILE A 97 6.07 3.74 -0.41
CA ILE A 97 7.18 3.08 0.30
C ILE A 97 6.87 2.18 1.51
N ASP A 98 7.40 0.98 1.53
CA ASP A 98 7.24 0.11 2.70
C ASP A 98 8.23 0.65 3.70
N VAL A 99 7.73 1.25 4.77
CA VAL A 99 8.59 1.88 5.77
C VAL A 99 9.37 0.84 6.58
N GLN A 100 10.69 0.99 6.64
CA GLN A 100 11.54 0.08 7.44
C GLN A 100 11.84 0.74 8.77
N ILE A 101 12.26 2.00 8.68
CA ILE A 101 12.50 2.84 9.83
C ILE A 101 11.96 4.24 9.57
N ALA A 102 11.21 4.75 10.53
CA ALA A 102 10.69 6.11 10.48
C ALA A 102 10.80 6.67 11.91
N LYS A 103 11.69 7.67 12.08
CA LYS A 103 11.96 8.29 13.37
C LYS A 103 12.08 9.81 13.22
N ASP A 104 11.41 10.57 14.08
CA ASP A 104 11.51 12.04 13.99
C ASP A 104 11.29 12.77 15.32
N LYS A 105 11.63 14.06 15.28
CA LYS A 105 11.40 15.00 16.35
C LYS A 105 10.47 16.02 15.72
N LYS A 106 9.84 16.86 16.52
CA LYS A 106 8.90 17.85 16.00
C LYS A 106 9.74 18.94 15.36
N ILE A 107 9.44 19.29 14.12
CA ILE A 107 10.23 20.30 13.40
C ILE A 107 9.60 21.68 13.36
N GLU A 108 10.34 22.66 13.85
CA GLU A 108 9.98 24.08 13.76
C GLU A 108 10.95 24.63 12.72
N GLN A 109 10.49 24.70 11.48
CA GLN A 109 11.38 25.10 10.39
C GLN A 109 11.90 26.52 10.58
N ASN A 110 13.13 26.75 10.15
CA ASN A 110 13.77 28.05 10.22
C ASN A 110 14.63 28.15 8.97
N ASP A 111 15.44 29.19 8.87
CA ASP A 111 16.28 29.37 7.70
C ASP A 111 17.37 28.31 7.56
N ASN A 112 17.77 27.68 8.66
CA ASN A 112 18.80 26.65 8.64
C ASN A 112 18.36 25.20 8.41
N THR A 113 17.05 24.92 8.41
CA THR A 113 16.56 23.54 8.22
C THR A 113 17.08 23.00 6.86
N PHE A 114 17.66 21.81 6.88
CA PHE A 114 18.28 21.21 5.71
C PHE A 114 17.75 19.79 5.44
N ALA A 115 17.15 19.61 4.27
CA ALA A 115 16.54 18.36 3.87
C ALA A 115 17.28 17.71 2.69
N VAL A 116 17.37 16.37 2.71
CA VAL A 116 18.03 15.60 1.65
C VAL A 116 17.18 14.39 1.32
N TYR A 117 17.14 14.03 0.04
CA TYR A 117 16.39 12.84 -0.40
C TYR A 117 17.27 12.00 -1.31
N THR A 118 17.49 10.76 -0.90
CA THR A 118 18.32 9.85 -1.62
C THR A 118 17.53 8.62 -2.07
N VAL A 119 17.79 8.14 -3.29
CA VAL A 119 17.23 6.90 -3.82
C VAL A 119 18.40 5.99 -4.22
N ILE A 120 18.40 4.74 -3.73
CA ILE A 120 19.51 3.84 -3.94
C ILE A 120 19.07 2.53 -4.55
N ASP A 121 19.51 2.25 -5.77
CA ASP A 121 19.17 0.99 -6.42
C ASP A 121 20.25 -0.03 -6.07
N VAL A 122 19.92 -0.95 -5.17
CA VAL A 122 20.84 -1.99 -4.75
C VAL A 122 20.79 -3.18 -5.70
N LYS A 123 21.92 -3.84 -5.88
CA LYS A 123 21.96 -5.02 -6.71
C LYS A 123 21.17 -6.07 -5.95
N PRO A 124 20.22 -6.77 -6.62
CA PRO A 124 19.37 -7.81 -5.99
C PRO A 124 20.17 -8.88 -5.25
N GLU A 125 21.32 -9.20 -5.83
CA GLU A 125 22.24 -10.17 -5.24
CA GLU A 125 22.21 -10.19 -5.22
C GLU A 125 22.74 -9.73 -3.84
N ASN A 126 22.92 -8.43 -3.65
CA ASN A 126 23.42 -7.88 -2.37
C ASN A 126 22.36 -7.22 -1.45
N ASP A 127 21.08 -7.34 -1.79
CA ASP A 127 19.97 -6.69 -1.03
C ASP A 127 19.80 -7.14 0.42
N LYS A 128 19.81 -8.44 0.67
CA LYS A 128 19.70 -8.95 2.05
C LYS A 128 20.74 -8.29 2.93
N GLU A 129 22.02 -8.49 2.59
CA GLU A 129 23.13 -7.96 3.37
C GLU A 129 23.07 -6.44 3.53
N PHE A 130 22.71 -5.73 2.47
CA PHE A 130 22.65 -4.26 2.47
C PHE A 130 21.58 -3.74 3.37
N ALA A 131 20.43 -4.41 3.38
CA ALA A 131 19.29 -4.00 4.18
C ALA A 131 19.71 -3.84 5.64
N GLU A 132 20.36 -4.85 6.18
CA GLU A 132 20.77 -4.77 7.57
C GLU A 132 21.80 -3.67 7.78
N ILE A 133 22.65 -3.44 6.78
CA ILE A 133 23.67 -2.41 6.88
C ILE A 133 23.07 -1.00 6.94
N ILE A 134 22.23 -0.67 5.96
CA ILE A 134 21.67 0.67 5.93
C ILE A 134 20.79 0.91 7.13
N LYS A 135 20.03 -0.10 7.57
CA LYS A 135 19.15 0.07 8.74
C LYS A 135 19.96 0.59 9.92
N ASN A 136 21.13 -0.02 10.17
CA ASN A 136 22.01 0.34 11.29
CA ASN A 136 22.01 0.34 11.27
C ASN A 136 22.52 1.76 11.14
N ILE A 137 23.03 2.09 9.95
CA ILE A 137 23.54 3.42 9.68
C ILE A 137 22.50 4.49 9.88
N VAL A 138 21.29 4.25 9.40
CA VAL A 138 20.24 5.26 9.54
C VAL A 138 19.89 5.45 11.02
N GLU A 139 19.90 4.39 11.84
CA GLU A 139 19.66 4.53 13.30
C GLU A 139 20.78 5.28 14.02
N THR A 140 22.03 4.99 13.65
CA THR A 140 23.18 5.71 14.20
C THR A 140 23.01 7.19 13.89
N THR A 141 22.60 7.50 12.65
CA THR A 141 22.38 8.90 12.24
C THR A 141 21.36 9.61 13.10
N PHE A 142 20.24 8.97 13.41
CA PHE A 142 19.21 9.63 14.18
C PHE A 142 19.70 10.03 15.56
N ASN A 143 20.58 9.22 16.14
CA ASN A 143 21.15 9.51 17.45
C ASN A 143 22.24 10.58 17.38
N GLU A 144 22.68 10.92 16.18
CA GLU A 144 23.66 11.98 15.97
C GLU A 144 22.96 13.29 16.38
N GLU A 145 23.73 14.23 16.91
CA GLU A 145 23.17 15.51 17.34
C GLU A 145 22.90 16.36 16.10
N GLY A 146 21.69 16.91 16.01
CA GLY A 146 21.30 17.75 14.87
C GLY A 146 20.37 17.05 13.88
N THR A 147 20.30 15.71 13.95
CA THR A 147 19.40 14.99 13.09
C THR A 147 17.98 15.19 13.60
N LEU A 148 17.07 15.67 12.76
CA LEU A 148 15.67 15.86 13.17
C LEU A 148 14.75 14.74 12.67
N LEU A 149 15.12 14.08 11.57
CA LEU A 149 14.24 13.07 10.96
C LEU A 149 14.97 12.12 10.02
N VAL A 150 14.60 10.85 10.03
CA VAL A 150 15.10 9.88 9.09
C VAL A 150 13.96 8.94 8.73
N TYR A 151 13.52 8.94 7.47
CA TYR A 151 12.54 7.97 7.01
C TYR A 151 13.24 7.08 5.98
N LEU A 152 13.29 5.78 6.26
CA LEU A 152 13.96 4.81 5.40
C LEU A 152 13.00 3.72 5.00
N GLY A 153 12.89 3.47 3.71
CA GLY A 153 12.00 2.40 3.23
C GLY A 153 12.33 1.94 1.82
N THR A 154 11.56 0.96 1.35
CA THR A 154 11.77 0.38 0.03
C THR A 154 10.54 0.62 -0.84
N ASP A 155 10.77 0.89 -2.11
CA ASP A 155 9.67 1.16 -3.00
C ASP A 155 8.81 -0.11 -3.13
N ARG A 156 7.49 0.04 -3.17
CA ARG A 156 6.62 -1.14 -3.27
C ARG A 156 6.63 -1.73 -4.69
N ARG A 157 7.08 -0.93 -5.65
CA ARG A 157 7.24 -1.36 -7.04
CA ARG A 157 7.23 -1.40 -7.03
C ARG A 157 8.49 -2.22 -7.21
N ASN A 158 9.44 -2.05 -6.29
CA ASN A 158 10.71 -2.75 -6.36
C ASN A 158 11.47 -2.64 -5.04
N PHE A 159 11.54 -3.74 -4.28
CA PHE A 159 12.18 -3.66 -2.96
C PHE A 159 13.70 -3.52 -2.98
N ASN A 160 14.32 -3.50 -4.15
CA ASN A 160 15.75 -3.23 -4.22
C ASN A 160 16.02 -1.72 -4.27
N LYS A 161 14.95 -0.91 -4.39
CA LYS A 161 15.04 0.54 -4.49
C LYS A 161 14.80 1.13 -3.11
N TRP A 162 15.86 1.49 -2.40
CA TRP A 162 15.72 2.10 -1.08
C TRP A 162 15.57 3.62 -1.19
N CYS A 163 14.70 4.21 -0.36
CA CYS A 163 14.44 5.65 -0.35
C CYS A 163 14.67 6.21 1.02
N LEU A 164 15.53 7.22 1.10
CA LEU A 164 15.89 7.83 2.39
C LEU A 164 15.64 9.34 2.41
N PHE A 165 14.71 9.75 3.26
CA PHE A 165 14.42 11.17 3.47
C PHE A 165 14.94 11.53 4.83
N GLU A 166 15.68 12.62 4.93
CA GLU A 166 16.26 13.01 6.19
C GLU A 166 16.33 14.53 6.34
N VAL A 167 16.00 15.02 7.53
CA VAL A 167 16.02 16.44 7.84
C VAL A 167 17.00 16.69 8.96
N TYR A 168 17.81 17.76 8.86
CA TYR A 168 18.82 18.15 9.84
C TYR A 168 18.58 19.58 10.34
N LYS A 169 19.08 19.91 11.53
CA LYS A 169 18.82 21.25 12.11
C LYS A 169 19.52 22.34 11.29
N ASP A 170 20.69 21.98 10.74
CA ASP A 170 21.48 22.89 9.93
C ASP A 170 22.44 22.12 9.03
N ILE A 171 22.94 22.83 8.03
CA ILE A 171 23.80 22.25 7.01
C ILE A 171 25.06 21.63 7.57
N ASP A 172 25.60 22.20 8.65
CA ASP A 172 26.79 21.63 9.27
C ASP A 172 26.51 20.23 9.82
N SER A 173 25.35 20.07 10.44
CA SER A 173 24.97 18.77 11.01
C SER A 173 25.02 17.67 9.96
N TYR A 174 24.48 17.98 8.79
CA TYR A 174 24.47 17.05 7.67
C TYR A 174 25.88 16.74 7.16
N LEU A 175 26.72 17.75 7.02
CA LEU A 175 28.09 17.52 6.56
C LEU A 175 28.93 16.73 7.56
N ASN A 176 28.71 16.98 8.85
CA ASN A 176 29.43 16.27 9.89
C ASN A 176 28.99 14.83 9.89
N HIS A 177 27.73 14.62 9.52
CA HIS A 177 27.19 13.29 9.39
C HIS A 177 27.90 12.50 8.30
N ARG A 178 28.06 13.08 7.13
CA ARG A 178 28.69 12.30 6.06
C ARG A 178 30.22 12.35 6.04
N SER A 179 30.82 13.21 6.86
CA SER A 179 32.27 13.19 6.98
C SER A 179 32.70 12.35 8.21
N ALA A 180 31.76 11.66 8.85
CA ALA A 180 32.07 10.82 10.01
C ALA A 180 32.57 9.44 9.59
N LYS A 181 33.47 8.86 10.38
CA LYS A 181 34.05 7.56 10.08
C LYS A 181 32.98 6.50 9.79
N TYR A 182 31.93 6.40 10.61
CA TYR A 182 30.88 5.39 10.40
C TYR A 182 30.15 5.51 9.05
N PHE A 183 30.03 6.73 8.54
CA PHE A 183 29.36 6.92 7.25
C PHE A 183 30.33 6.71 6.09
N LYS A 184 31.54 7.25 6.21
CA LYS A 184 32.59 7.03 5.19
C LYS A 184 32.85 5.52 5.03
N ASP A 185 32.97 4.82 6.16
CA ASP A 185 33.18 3.37 6.14
C ASP A 185 32.06 2.67 5.43
N TYR A 186 30.83 3.17 5.60
CA TYR A 186 29.62 2.60 4.96
C TYR A 186 29.66 2.78 3.44
N ILE A 187 30.05 3.97 2.99
CA ILE A 187 30.19 4.24 1.57
C ILE A 187 31.18 3.23 0.97
N THR A 188 32.33 3.11 1.60
CA THR A 188 33.36 2.16 1.14
C THR A 188 32.85 0.72 1.07
N GLN A 189 32.25 0.26 2.17
CA GLN A 189 31.71 -1.09 2.29
C GLN A 189 30.64 -1.49 1.26
N THR A 190 29.72 -0.58 0.96
CA THR A 190 28.59 -0.86 0.05
C THR A 190 28.82 -0.43 -1.39
N LYS A 191 29.98 0.14 -1.69
CA LYS A 191 30.29 0.67 -3.04
C LYS A 191 29.88 -0.26 -4.18
N ASP A 192 30.32 -1.52 -4.10
CA ASP A 192 30.07 -2.49 -5.18
C ASP A 192 28.72 -3.18 -5.07
N ILE A 194 25.93 -1.36 -4.88
CA ILE A 194 25.00 -0.41 -5.48
C ILE A 194 25.05 -0.32 -7.00
N ALA A 195 23.88 -0.22 -7.62
CA ALA A 195 23.73 -0.11 -9.08
C ALA A 195 23.61 1.33 -9.52
N GLY A 196 23.07 2.18 -8.66
CA GLY A 196 22.88 3.57 -9.00
C GLY A 196 22.44 4.37 -7.78
N LYS A 197 22.67 5.68 -7.82
CA LYS A 197 22.37 6.50 -6.67
C LYS A 197 22.12 7.94 -7.08
N LYS A 198 21.07 8.52 -6.52
CA LYS A 198 20.76 9.91 -6.77
C LYS A 198 20.44 10.56 -5.43
N ARG A 199 21.33 11.46 -5.01
CA ARG A 199 21.18 12.23 -3.78
CA ARG A 199 21.14 12.20 -3.78
C ARG A 199 20.74 13.62 -4.17
N ALA A 200 19.73 14.14 -3.51
CA ALA A 200 19.25 15.45 -3.82
C ALA A 200 19.15 16.29 -2.58
N GLU A 201 20.05 17.26 -2.47
CA GLU A 201 19.98 18.20 -1.39
C GLU A 201 18.78 19.07 -1.78
N LEU A 202 17.88 19.32 -0.85
CA LEU A 202 16.64 20.01 -1.16
C LEU A 202 16.41 21.31 -0.36
N GLN A 203 15.80 22.26 -1.05
CA GLN A 203 15.45 23.56 -0.54
C GLN A 203 14.10 23.43 0.16
N VAL A 204 14.09 23.56 1.47
CA VAL A 204 12.85 23.44 2.26
C VAL A 204 11.79 24.50 1.90
N LEU A 205 10.53 24.10 1.77
CA LEU A 205 9.43 25.01 1.44
C LEU A 205 8.47 25.17 2.62
N LYS A 206 7.87 24.08 3.08
CA LYS A 206 7.04 24.11 4.26
C LYS A 206 7.02 22.71 4.89
N ILE A 207 7.29 22.64 6.20
CA ILE A 207 7.27 21.40 6.96
C ILE A 207 6.40 21.53 8.21
N GLU A 208 5.52 20.56 8.40
CA GLU A 208 4.69 20.44 9.62
C GLU A 208 4.59 18.94 9.97
N ASN A 209 4.81 18.62 11.23
CA ASN A 209 4.68 17.23 11.67
C ASN A 209 4.32 17.15 13.15
N LYS A 210 3.78 15.98 13.54
CA LYS A 210 3.41 15.73 14.92
C LYS A 210 4.66 15.59 15.78
N GLY A 211 5.67 14.94 15.22
CA GLY A 211 6.91 14.70 15.95
C GLY A 211 6.85 13.48 16.85
N GLY A 212 8.01 13.03 17.31
CA GLY A 212 8.10 11.88 18.20
C GLY A 212 7.85 10.52 17.56
N LEU A 213 7.84 10.44 16.24
CA LEU A 213 7.58 9.16 15.58
C LEU A 213 8.73 8.19 15.85
N ASP A 214 8.43 6.91 16.04
CA ASP A 214 9.48 5.93 16.33
C ASP A 214 9.00 4.55 15.90
N TYR A 215 9.15 4.26 14.61
CA TYR A 215 8.65 3.02 14.01
C TYR A 215 9.72 2.16 13.36
N LYS A 216 9.53 0.86 13.48
CA LYS A 216 10.43 -0.13 12.87
C LYS A 216 9.62 -1.36 12.46
N LYS A 217 9.71 -1.74 11.18
CA LYS A 217 9.00 -2.92 10.70
C LYS A 217 9.38 -4.19 11.47
N LEU A 218 8.52 -4.60 12.41
CA LEU A 218 8.71 -5.80 13.24
C LEU A 218 10.11 -6.43 13.22
N GLY B 1 5.77 -9.18 -9.92
CA GLY B 1 6.96 -8.67 -10.67
C GLY B 1 8.26 -8.98 -9.96
N TYR B 3 10.18 -8.45 -7.68
CA TYR B 3 10.59 -7.44 -6.71
C TYR B 3 9.44 -6.47 -6.37
N ALA B 4 8.26 -6.69 -6.96
CA ALA B 4 7.07 -5.86 -6.71
C ALA B 4 6.14 -6.49 -5.69
N VAL B 5 5.42 -5.65 -4.97
CA VAL B 5 4.47 -6.09 -3.96
C VAL B 5 3.07 -6.15 -4.55
N PRO B 6 2.43 -7.33 -4.48
CA PRO B 6 1.10 -7.38 -5.09
C PRO B 6 0.08 -6.59 -4.30
N ILE B 7 -0.84 -5.93 -5.02
CA ILE B 7 -1.90 -5.15 -4.38
C ILE B 7 -3.16 -5.98 -4.41
N LEU B 8 -3.73 -6.21 -3.22
CA LEU B 8 -4.96 -6.98 -3.03
C LEU B 8 -5.91 -6.13 -2.20
N ASN B 9 -7.01 -5.73 -2.83
CA ASN B 9 -8.04 -4.92 -2.20
C ASN B 9 -9.37 -5.65 -2.29
N VAL B 10 -10.15 -5.64 -1.21
CA VAL B 10 -11.47 -6.27 -1.15
C VAL B 10 -12.51 -5.21 -0.88
N TYR B 11 -13.35 -4.92 -1.87
CA TYR B 11 -14.37 -3.87 -1.77
C TYR B 11 -15.71 -4.47 -1.46
N ASP B 12 -16.47 -3.86 -0.55
CA ASP B 12 -17.82 -4.36 -0.31
C ASP B 12 -18.82 -3.23 -0.12
N PHE B 13 -20.07 -3.47 -0.49
CA PHE B 13 -21.11 -2.48 -0.26
C PHE B 13 -22.49 -3.07 -0.31
N GLU B 14 -23.45 -2.38 0.30
CA GLU B 14 -24.82 -2.85 0.33
C GLU B 14 -25.55 -2.42 -0.94
N VAL B 15 -26.28 -3.34 -1.57
CA VAL B 15 -26.97 -3.03 -2.83
C VAL B 15 -28.40 -2.56 -2.58
N LYS B 16 -28.83 -1.50 -3.27
CA LYS B 16 -30.18 -0.98 -3.09
C LYS B 16 -31.22 -2.05 -3.36
N LYS B 17 -32.34 -1.96 -2.64
CA LYS B 17 -33.44 -2.93 -2.74
C LYS B 17 -33.81 -3.31 -4.18
N ASP B 18 -34.27 -2.34 -4.96
CA ASP B 18 -34.76 -2.67 -6.31
C ASP B 18 -33.75 -2.47 -7.44
N LYS B 19 -32.47 -2.67 -7.16
CA LYS B 19 -31.45 -2.45 -8.19
C LYS B 19 -30.49 -3.65 -8.39
N GLU B 20 -30.88 -4.85 -8.03
CA GLU B 20 -30.00 -6.01 -8.21
CA GLU B 20 -29.99 -6.00 -8.21
C GLU B 20 -29.66 -6.18 -9.69
N THR B 21 -30.64 -5.98 -10.55
CA THR B 21 -30.40 -6.11 -12.00
C THR B 21 -29.29 -5.17 -12.48
N SER B 22 -29.40 -3.88 -12.13
CA SER B 22 -28.41 -2.89 -12.53
C SER B 22 -27.06 -3.21 -11.91
N TYR B 23 -27.07 -3.70 -10.67
CA TYR B 23 -25.82 -4.09 -9.98
C TYR B 23 -25.11 -5.20 -10.70
N LYS B 24 -25.85 -6.22 -11.14
CA LYS B 24 -25.22 -7.37 -11.82
C LYS B 24 -24.64 -6.99 -13.20
N SER B 25 -25.39 -6.19 -13.95
CA SER B 25 -25.01 -5.74 -15.28
C SER B 25 -23.76 -4.87 -15.22
N ALA B 26 -23.72 -3.93 -14.29
CA ALA B 26 -22.57 -3.02 -14.15
C ALA B 26 -21.34 -3.73 -13.62
N THR B 27 -21.52 -4.70 -12.72
CA THR B 27 -20.37 -5.44 -12.20
C THR B 27 -19.84 -6.39 -13.26
N GLU B 28 -20.71 -6.98 -14.06
CA GLU B 28 -20.24 -7.83 -15.17
C GLU B 28 -19.40 -7.01 -16.15
N ASP B 29 -19.97 -5.90 -16.64
CA ASP B 29 -19.25 -5.04 -17.56
C ASP B 29 -17.86 -4.66 -17.00
N TYR B 30 -17.81 -4.24 -15.74
CA TYR B 30 -16.56 -3.78 -15.11
C TYR B 30 -15.47 -4.85 -15.10
N VAL B 31 -15.87 -6.06 -14.70
CA VAL B 31 -14.97 -7.20 -14.63
C VAL B 31 -14.50 -7.64 -16.03
N ASN B 32 -15.43 -7.63 -16.99
CA ASN B 32 -15.08 -7.99 -18.35
C ASN B 32 -14.27 -6.93 -19.12
N LYS B 33 -14.49 -5.66 -18.83
CA LYS B 33 -13.78 -4.61 -19.57
C LYS B 33 -12.40 -4.43 -18.96
N THR B 34 -12.29 -4.61 -17.64
CA THR B 34 -10.98 -4.47 -16.96
C THR B 34 -9.97 -5.53 -17.35
N GLY B 36 -10.19 -7.71 -19.80
CA GLY B 36 -10.03 -7.86 -21.24
C GLY B 36 -9.05 -6.89 -21.86
N VAL B 37 -8.88 -5.73 -21.23
CA VAL B 37 -8.09 -4.65 -21.79
C VAL B 37 -6.89 -4.13 -20.99
N GLU B 38 -6.93 -4.19 -19.68
CA GLU B 38 -5.88 -3.53 -18.88
C GLU B 38 -4.67 -4.38 -18.47
N GLN B 39 -3.55 -3.70 -18.31
CA GLN B 39 -2.28 -4.31 -17.93
C GLN B 39 -2.05 -4.36 -16.43
N GLY B 40 -1.34 -5.38 -15.98
CA GLY B 40 -1.00 -5.56 -14.57
C GLY B 40 -2.14 -5.98 -13.68
N VAL B 41 -3.25 -6.38 -14.29
CA VAL B 41 -4.37 -6.82 -13.50
C VAL B 41 -4.27 -8.31 -13.46
N LEU B 42 -4.14 -8.87 -12.25
CA LEU B 42 -3.96 -10.32 -12.05
C LEU B 42 -5.29 -11.09 -11.97
N GLY B 43 -6.36 -10.41 -11.60
CA GLY B 43 -7.67 -11.04 -11.47
C GLY B 43 -8.68 -10.19 -10.72
N LEU B 44 -9.95 -10.32 -11.10
CA LEU B 44 -11.04 -9.64 -10.42
C LEU B 44 -12.11 -10.68 -10.15
N PHE B 45 -12.75 -10.61 -8.99
CA PHE B 45 -13.69 -11.61 -8.56
C PHE B 45 -14.89 -10.96 -7.89
N ALA B 46 -16.01 -10.89 -8.60
CA ALA B 46 -17.26 -10.32 -8.08
C ALA B 46 -18.15 -11.43 -7.56
N ALA B 47 -18.61 -11.27 -6.33
CA ALA B 47 -19.51 -12.21 -5.68
C ALA B 47 -20.61 -11.44 -4.94
N THR B 48 -21.53 -12.16 -4.31
CA THR B 48 -22.60 -11.53 -3.59
C THR B 48 -22.97 -12.33 -2.38
N ASP B 49 -23.30 -11.63 -1.29
CA ASP B 49 -23.82 -12.22 -0.04
C ASP B 49 -25.26 -11.71 0.05
N GLU B 50 -26.24 -12.62 -0.07
CA GLU B 50 -27.68 -12.24 -0.06
C GLU B 50 -28.41 -12.38 1.28
N ARG B 51 -27.69 -12.82 2.32
CA ARG B 51 -28.28 -12.95 3.63
C ARG B 51 -28.64 -11.57 4.20
N ASP B 52 -29.79 -11.44 4.85
CA ASP B 52 -30.22 -10.19 5.48
C ASP B 52 -30.43 -9.04 4.49
N LYS B 53 -29.33 -8.52 3.94
CA LYS B 53 -29.34 -7.44 2.99
C LYS B 53 -28.26 -7.76 1.97
N THR B 54 -28.59 -7.63 0.69
CA THR B 54 -27.64 -7.96 -0.37
C THR B 54 -26.34 -7.13 -0.32
N THR B 55 -25.20 -7.80 -0.16
CA THR B 55 -23.91 -7.13 -0.10
C THR B 55 -23.01 -7.56 -1.28
N SER B 56 -22.45 -6.57 -1.97
CA SER B 56 -21.52 -6.82 -3.06
C SER B 56 -20.09 -6.99 -2.52
N TYR B 57 -19.40 -8.00 -3.01
CA TYR B 57 -17.97 -8.16 -2.71
C TYR B 57 -17.24 -8.22 -4.04
N ILE B 58 -16.08 -7.57 -4.10
CA ILE B 58 -15.28 -7.61 -5.28
C ILE B 58 -13.84 -7.68 -4.80
N VAL B 59 -13.20 -8.79 -5.08
CA VAL B 59 -11.81 -8.98 -4.73
C VAL B 59 -11.08 -8.54 -5.98
N GLU B 60 -10.09 -7.67 -5.83
CA GLU B 60 -9.32 -7.12 -6.96
C GLU B 60 -7.84 -7.29 -6.65
N ILE B 61 -7.06 -7.85 -7.57
CA ILE B 61 -5.63 -8.08 -7.34
C ILE B 61 -4.78 -7.64 -8.52
N TYR B 62 -3.76 -6.83 -8.21
CA TYR B 62 -2.89 -6.22 -9.22
C TYR B 62 -1.43 -6.49 -8.97
N ASN B 63 -0.65 -6.35 -10.01
CA ASN B 63 0.73 -6.73 -9.93
C ASN B 63 1.57 -5.80 -9.08
N ASP B 64 1.19 -4.52 -9.09
CA ASP B 64 1.86 -3.47 -8.30
C ASP B 64 1.00 -2.20 -8.17
N TYR B 65 1.44 -1.23 -7.37
CA TYR B 65 0.65 0.00 -7.17
C TYR B 65 0.50 0.86 -8.41
N LEU B 66 1.41 0.76 -9.38
CA LEU B 66 1.26 1.55 -10.59
C LEU B 66 0.15 0.99 -11.46
N ALA B 67 0.08 -0.35 -11.52
CA ALA B 67 -0.96 -1.02 -12.30
C ALA B 67 -2.29 -0.68 -11.69
N PHE B 68 -2.36 -0.65 -10.36
CA PHE B 68 -3.59 -0.27 -9.69
C PHE B 68 -3.95 1.21 -9.94
N SER B 69 -2.98 2.10 -9.84
CA SER B 69 -3.26 3.53 -9.97
C SER B 69 -3.75 3.82 -11.40
N ASN B 70 -3.22 3.10 -12.37
CA ASN B 70 -3.68 3.26 -13.76
C ASN B 70 -5.11 2.72 -13.91
N HIS B 71 -5.40 1.62 -13.21
CA HIS B 71 -6.73 1.05 -13.27
C HIS B 71 -7.77 2.05 -12.78
N THR B 72 -7.49 2.73 -11.67
CA THR B 72 -8.47 3.67 -11.12
C THR B 72 -8.68 4.87 -12.05
N LYS B 73 -7.77 5.07 -13.00
CA LYS B 73 -7.88 6.17 -13.96
C LYS B 73 -8.41 5.73 -15.33
N ASN B 74 -8.41 4.44 -15.61
CA ASN B 74 -8.84 3.93 -16.93
C ASN B 74 -10.36 3.88 -17.06
N GLN B 75 -10.86 3.58 -18.25
CA GLN B 75 -12.31 3.69 -18.53
C GLN B 75 -13.23 2.74 -17.76
N ALA B 76 -12.83 1.49 -17.59
CA ALA B 76 -13.66 0.53 -16.89
C ALA B 76 -14.09 1.04 -15.52
N SER B 77 -13.11 1.44 -14.72
CA SER B 77 -13.34 1.93 -13.36
C SER B 77 -14.10 3.23 -13.33
N LYS B 78 -13.78 4.14 -14.26
CA LYS B 78 -14.44 5.43 -14.33
C LYS B 78 -15.96 5.25 -14.58
N ASP B 79 -16.31 4.24 -15.39
CA ASP B 79 -17.70 3.96 -15.70
C ASP B 79 -18.42 3.32 -14.52
N PHE B 80 -17.73 2.38 -13.86
CA PHE B 80 -18.29 1.69 -12.70
C PHE B 80 -18.47 2.63 -11.52
N LYS B 81 -17.44 3.41 -11.18
CA LYS B 81 -17.54 4.38 -10.10
C LYS B 81 -18.68 5.37 -10.35
N ALA B 82 -18.99 5.62 -11.61
CA ALA B 82 -20.10 6.53 -11.98
C ALA B 82 -21.48 5.91 -11.73
N VAL B 83 -21.53 4.59 -11.57
CA VAL B 83 -22.78 3.85 -11.34
C VAL B 83 -23.00 3.47 -9.88
N ILE B 84 -21.93 3.27 -9.11
CA ILE B 84 -22.07 2.89 -7.71
C ILE B 84 -23.17 3.67 -6.96
N PRO B 85 -23.13 5.01 -6.99
CA PRO B 85 -24.10 5.78 -6.22
C PRO B 85 -25.58 5.51 -6.50
N GLN B 86 -25.92 5.11 -7.72
CA GLN B 86 -27.33 4.82 -8.01
C GLN B 86 -27.70 3.34 -7.74
N ILE B 87 -26.71 2.50 -7.42
CA ILE B 87 -26.99 1.10 -7.05
C ILE B 87 -26.59 0.73 -5.61
N ALA B 88 -25.90 1.63 -4.91
CA ALA B 88 -25.42 1.37 -3.56
C ALA B 88 -26.25 2.07 -2.49
N GLU B 89 -26.66 1.32 -1.48
CA GLU B 89 -27.44 1.87 -0.39
C GLU B 89 -26.52 2.58 0.59
N GLY B 90 -25.46 1.90 1.01
CA GLY B 90 -24.52 2.51 1.95
C GLY B 90 -23.28 1.69 2.17
N ASN B 91 -22.65 1.93 3.34
CA ASN B 91 -21.40 1.28 3.76
C ASN B 91 -20.20 1.71 2.88
N LEU B 92 -19.99 1.01 1.76
CA LEU B 92 -18.90 1.28 0.77
C LEU B 92 -17.46 1.08 1.34
N ASN B 93 -17.24 -0.06 1.99
CA ASN B 93 -15.96 -0.36 2.63
C ASN B 93 -14.93 -0.91 1.70
N SER B 94 -13.70 -0.97 2.19
CA SER B 94 -12.61 -1.53 1.39
C SER B 94 -11.41 -1.89 2.25
N ALA B 95 -11.05 -3.16 2.22
CA ALA B 95 -9.92 -3.67 2.95
C ALA B 95 -8.71 -3.70 2.01
N GLU B 96 -7.58 -3.17 2.46
CA GLU B 96 -6.35 -3.23 1.71
C GLU B 96 -5.53 -4.28 2.43
N ILE B 97 -4.98 -5.25 1.70
CA ILE B 97 -4.32 -6.41 2.34
C ILE B 97 -2.86 -6.67 1.98
N ASP B 98 -2.00 -6.87 2.98
CA ASP B 98 -0.60 -7.26 2.76
C ASP B 98 -0.67 -8.74 2.44
N VAL B 99 -0.38 -9.11 1.20
CA VAL B 99 -0.52 -10.50 0.80
C VAL B 99 0.59 -11.37 1.39
N GLN B 100 0.20 -12.49 2.00
CA GLN B 100 1.14 -13.48 2.59
C GLN B 100 1.28 -14.65 1.65
N ILE B 101 0.14 -15.17 1.20
CA ILE B 101 0.12 -16.19 0.17
C ILE B 101 -0.98 -15.90 -0.84
N ALA B 102 -0.62 -15.95 -2.11
CA ALA B 102 -1.60 -15.78 -3.19
C ALA B 102 -1.27 -16.81 -4.26
N LYS B 103 -2.16 -17.77 -4.44
CA LYS B 103 -1.97 -18.87 -5.39
C LYS B 103 -3.27 -19.18 -6.15
N ASP B 104 -3.21 -19.32 -7.46
CA ASP B 104 -4.42 -19.65 -8.23
C ASP B 104 -4.17 -20.39 -9.54
N LYS B 105 -5.27 -20.93 -10.07
CA LYS B 105 -5.33 -21.55 -11.38
C LYS B 105 -6.25 -20.61 -12.18
N LYS B 106 -6.32 -20.80 -13.49
CA LYS B 106 -7.17 -19.96 -14.33
C LYS B 106 -8.57 -20.47 -14.11
N ILE B 107 -9.51 -19.57 -13.80
CA ILE B 107 -10.89 -19.98 -13.54
C ILE B 107 -11.86 -19.74 -14.71
N GLU B 108 -12.51 -20.81 -15.15
CA GLU B 108 -13.58 -20.74 -16.14
C GLU B 108 -14.85 -20.99 -15.33
N GLN B 109 -15.49 -19.90 -14.89
CA GLN B 109 -16.63 -20.01 -14.01
C GLN B 109 -17.77 -20.79 -14.68
N ASN B 110 -18.51 -21.53 -13.86
CA ASN B 110 -19.63 -22.32 -14.30
C ASN B 110 -20.64 -22.28 -13.16
N ASP B 111 -21.72 -23.03 -13.27
CA ASP B 111 -22.73 -23.03 -12.22
C ASP B 111 -22.18 -23.55 -10.87
N ASN B 112 -21.20 -24.44 -10.89
CA ASN B 112 -20.65 -25.05 -9.68
C ASN B 112 -19.57 -24.28 -8.95
N THR B 113 -19.02 -23.22 -9.54
CA THR B 113 -17.94 -22.47 -8.90
C THR B 113 -18.44 -21.95 -7.55
N PHE B 114 -17.64 -22.19 -6.51
CA PHE B 114 -18.00 -21.85 -5.14
C PHE B 114 -16.93 -20.98 -4.45
N ALA B 115 -17.32 -19.79 -4.01
CA ALA B 115 -16.41 -18.84 -3.38
C ALA B 115 -16.76 -18.60 -1.91
N VAL B 116 -15.73 -18.46 -1.08
CA VAL B 116 -15.87 -18.17 0.36
C VAL B 116 -14.93 -17.05 0.80
N TYR B 117 -15.41 -16.16 1.66
CA TYR B 117 -14.58 -15.07 2.20
C TYR B 117 -14.66 -15.02 3.73
N THR B 118 -13.50 -15.24 4.36
CA THR B 118 -13.40 -15.30 5.80
C THR B 118 -12.49 -14.19 6.32
N VAL B 119 -12.89 -13.58 7.43
CA VAL B 119 -12.07 -12.59 8.12
C VAL B 119 -11.86 -13.13 9.54
N ILE B 120 -10.63 -13.11 10.03
CA ILE B 120 -10.34 -13.68 11.34
C ILE B 120 -9.57 -12.69 12.18
N ASP B 121 -10.13 -12.31 13.32
CA ASP B 121 -9.45 -11.41 14.25
C ASP B 121 -8.72 -12.25 15.25
N VAL B 122 -7.41 -12.36 15.10
CA VAL B 122 -6.59 -13.15 16.04
C VAL B 122 -6.21 -12.30 17.23
N LYS B 123 -6.04 -12.93 18.39
CA LYS B 123 -5.62 -12.22 19.57
C LYS B 123 -4.17 -11.83 19.32
N PRO B 124 -3.80 -10.56 19.60
CA PRO B 124 -2.42 -10.08 19.41
C PRO B 124 -1.38 -10.98 20.09
N GLU B 125 -1.74 -11.48 21.26
CA GLU B 125 -0.89 -12.41 22.03
C GLU B 125 -0.45 -13.61 21.21
N ASN B 126 -1.38 -14.12 20.40
CA ASN B 126 -1.19 -15.36 19.63
C ASN B 126 -0.91 -15.20 18.15
N ASP B 127 -0.71 -13.96 17.70
CA ASP B 127 -0.52 -13.69 16.25
C ASP B 127 0.71 -14.36 15.61
N LYS B 128 1.87 -14.24 16.23
CA LYS B 128 3.09 -14.85 15.69
C LYS B 128 2.83 -16.33 15.40
N GLU B 129 2.48 -17.09 16.44
CA GLU B 129 2.24 -18.54 16.30
C GLU B 129 1.15 -18.88 15.29
N PHE B 130 0.06 -18.12 15.30
CA PHE B 130 -1.07 -18.34 14.39
C PHE B 130 -0.69 -18.15 12.92
N ALA B 131 0.12 -17.13 12.66
CA ALA B 131 0.51 -16.82 11.30
C ALA B 131 1.12 -18.04 10.64
N GLU B 132 2.10 -18.64 11.30
CA GLU B 132 2.76 -19.80 10.72
C GLU B 132 1.76 -20.92 10.52
N ILE B 133 0.81 -21.05 11.43
CA ILE B 133 -0.18 -22.13 11.36
C ILE B 133 -1.11 -21.98 10.16
N ILE B 134 -1.73 -20.81 10.03
CA ILE B 134 -2.65 -20.60 8.92
C ILE B 134 -1.93 -20.61 7.56
N LYS B 135 -0.72 -20.09 7.51
CA LYS B 135 0.04 -20.13 6.25
C LYS B 135 0.13 -21.57 5.76
N ASN B 136 0.48 -22.51 6.64
CA ASN B 136 0.58 -23.93 6.27
C ASN B 136 -0.72 -24.54 5.81
N ILE B 137 -1.78 -24.31 6.58
CA ILE B 137 -3.09 -24.83 6.24
C ILE B 137 -3.55 -24.34 4.89
N VAL B 138 -3.32 -23.07 4.61
CA VAL B 138 -3.76 -22.53 3.32
C VAL B 138 -3.00 -23.20 2.17
N GLU B 139 -1.70 -23.48 2.36
CA GLU B 139 -0.92 -24.16 1.30
C GLU B 139 -1.37 -25.58 1.08
N THR B 140 -1.64 -26.29 2.18
CA THR B 140 -2.16 -27.65 2.10
C THR B 140 -3.47 -27.61 1.31
N THR B 141 -4.32 -26.63 1.61
CA THR B 141 -5.59 -26.46 0.90
C THR B 141 -5.40 -26.32 -0.61
N PHE B 142 -4.43 -25.52 -1.04
CA PHE B 142 -4.24 -25.30 -2.49
C PHE B 142 -3.84 -26.58 -3.22
N ASN B 143 -3.11 -27.46 -2.55
CA ASN B 143 -2.74 -28.76 -3.13
C ASN B 143 -3.90 -29.79 -3.08
N GLU B 144 -4.97 -29.44 -2.38
CA GLU B 144 -6.15 -30.31 -2.32
C GLU B 144 -6.76 -30.26 -3.71
N GLU B 145 -7.37 -31.36 -4.13
CA GLU B 145 -8.00 -31.43 -5.45
C GLU B 145 -9.32 -30.66 -5.42
N GLY B 146 -9.50 -29.76 -6.39
CA GLY B 146 -10.72 -28.95 -6.48
C GLY B 146 -10.53 -27.50 -6.10
N THR B 147 -9.48 -27.20 -5.34
CA THR B 147 -9.17 -25.85 -4.93
C THR B 147 -8.69 -25.09 -6.14
N LEU B 148 -9.32 -23.98 -6.47
CA LEU B 148 -8.90 -23.17 -7.62
C LEU B 148 -8.14 -21.88 -7.23
N LEU B 149 -8.28 -21.42 -5.99
CA LEU B 149 -7.63 -20.19 -5.56
C LEU B 149 -7.62 -19.99 -4.05
N VAL B 150 -6.51 -19.49 -3.52
CA VAL B 150 -6.43 -19.12 -2.12
C VAL B 150 -5.61 -17.85 -2.03
N TYR B 151 -6.21 -16.77 -1.54
CA TYR B 151 -5.49 -15.53 -1.28
C TYR B 151 -5.57 -15.29 0.22
N LEU B 152 -4.43 -15.21 0.89
CA LEU B 152 -4.35 -15.03 2.33
C LEU B 152 -3.49 -13.85 2.64
N GLY B 153 -3.97 -12.96 3.49
CA GLY B 153 -3.21 -11.80 3.88
C GLY B 153 -3.74 -11.14 5.12
N THR B 154 -3.08 -10.06 5.53
CA THR B 154 -3.46 -9.34 6.73
C THR B 154 -3.88 -7.92 6.37
N ASP B 155 -4.86 -7.38 7.08
CA ASP B 155 -5.34 -6.02 6.80
C ASP B 155 -4.20 -5.03 7.10
N ARG B 156 -4.03 -4.00 6.27
CA ARG B 156 -2.95 -3.03 6.51
C ARG B 156 -3.28 -2.08 7.65
N ARG B 157 -4.56 -1.99 8.01
CA ARG B 157 -4.97 -1.20 9.18
C ARG B 157 -4.67 -1.96 10.45
N ASN B 158 -4.60 -3.28 10.38
CA ASN B 158 -4.45 -4.12 11.58
C ASN B 158 -3.95 -5.53 11.22
N PHE B 159 -2.68 -5.81 11.47
CA PHE B 159 -2.14 -7.11 11.03
C PHE B 159 -2.62 -8.33 11.81
N ASN B 160 -3.47 -8.12 12.83
CA ASN B 160 -4.06 -9.22 13.54
C ASN B 160 -5.35 -9.69 12.83
N LYS B 161 -5.78 -8.94 11.81
CA LYS B 161 -6.99 -9.22 11.04
C LYS B 161 -6.62 -9.93 9.75
N TRP B 162 -6.72 -11.27 9.76
CA TRP B 162 -6.40 -12.07 8.56
C TRP B 162 -7.62 -12.23 7.67
N CYS B 163 -7.40 -12.15 6.36
CA CYS B 163 -8.45 -12.22 5.37
C CYS B 163 -8.15 -13.33 4.42
N LEU B 164 -9.10 -14.24 4.23
CA LEU B 164 -8.90 -15.37 3.34
C LEU B 164 -9.99 -15.47 2.28
N PHE B 165 -9.61 -15.33 1.01
CA PHE B 165 -10.50 -15.53 -0.13
C PHE B 165 -10.13 -16.82 -0.83
N GLU B 166 -11.12 -17.66 -1.07
CA GLU B 166 -10.85 -18.96 -1.68
C GLU B 166 -11.95 -19.39 -2.66
N VAL B 167 -11.54 -19.95 -3.80
CA VAL B 167 -12.48 -20.40 -4.79
C VAL B 167 -12.25 -21.90 -5.00
N TYR B 168 -13.34 -22.65 -5.16
CA TYR B 168 -13.30 -24.12 -5.35
C TYR B 168 -14.08 -24.47 -6.61
N LYS B 169 -13.80 -25.63 -7.20
CA LYS B 169 -14.45 -26.05 -8.45
C LYS B 169 -15.93 -26.33 -8.24
N ASP B 170 -16.25 -26.86 -7.05
CA ASP B 170 -17.63 -27.19 -6.67
C ASP B 170 -17.79 -27.22 -5.14
N ILE B 171 -19.04 -27.19 -4.71
CA ILE B 171 -19.37 -27.13 -3.31
C ILE B 171 -18.87 -28.34 -2.51
N ASP B 172 -18.79 -29.50 -3.15
CA ASP B 172 -18.30 -30.70 -2.46
C ASP B 172 -16.83 -30.54 -2.09
N SER B 173 -16.05 -29.97 -3.01
CA SER B 173 -14.61 -29.77 -2.82
C SER B 173 -14.34 -28.94 -1.57
N TYR B 174 -15.14 -27.90 -1.38
CA TYR B 174 -15.07 -27.05 -0.20
C TYR B 174 -15.42 -27.82 1.08
N LEU B 175 -16.50 -28.57 1.04
CA LEU B 175 -16.94 -29.32 2.23
C LEU B 175 -15.95 -30.41 2.62
N ASN B 176 -15.37 -31.07 1.62
CA ASN B 176 -14.37 -32.12 1.86
C ASN B 176 -13.13 -31.50 2.46
N HIS B 177 -12.89 -30.25 2.09
CA HIS B 177 -11.78 -29.47 2.64
C HIS B 177 -11.96 -29.20 4.13
N ARG B 178 -13.13 -28.76 4.55
CA ARG B 178 -13.30 -28.44 5.98
C ARG B 178 -13.70 -29.66 6.83
N SER B 179 -14.05 -30.78 6.18
CA SER B 179 -14.34 -31.99 6.94
C SER B 179 -13.11 -32.90 7.01
N ALA B 180 -11.97 -32.41 6.52
CA ALA B 180 -10.73 -33.19 6.55
C ALA B 180 -9.98 -33.00 7.86
N LYS B 181 -9.33 -34.07 8.32
CA LYS B 181 -8.62 -34.07 9.60
C LYS B 181 -7.70 -32.82 9.78
N TYR B 182 -6.88 -32.52 8.79
CA TYR B 182 -5.96 -31.39 8.92
C TYR B 182 -6.66 -30.06 9.24
N PHE B 183 -7.87 -29.85 8.70
CA PHE B 183 -8.60 -28.60 8.93
C PHE B 183 -9.33 -28.65 10.27
N LYS B 184 -10.01 -29.76 10.56
CA LYS B 184 -10.67 -29.94 11.87
C LYS B 184 -9.65 -29.77 13.00
N ASP B 185 -8.48 -30.40 12.87
CA ASP B 185 -7.40 -30.25 13.85
C ASP B 185 -7.00 -28.78 14.04
N TYR B 186 -6.97 -28.04 12.92
CA TYR B 186 -6.62 -26.60 12.91
C TYR B 186 -7.65 -25.78 13.67
N ILE B 187 -8.93 -26.03 13.41
CA ILE B 187 -10.00 -25.33 14.13
C ILE B 187 -9.84 -25.56 15.62
N THR B 188 -9.65 -26.82 16.01
CA THR B 188 -9.43 -27.18 17.41
C THR B 188 -8.22 -26.45 18.00
N GLN B 189 -7.08 -26.56 17.31
CA GLN B 189 -5.81 -25.96 17.76
C GLN B 189 -5.84 -24.43 17.97
N THR B 190 -6.50 -23.71 17.05
CA THR B 190 -6.53 -22.24 17.10
C THR B 190 -7.78 -21.63 17.75
N LYS B 191 -8.65 -22.46 18.30
CA LYS B 191 -9.92 -21.99 18.91
C LYS B 191 -9.79 -20.84 19.91
N ASP B 192 -8.84 -20.97 20.84
CA ASP B 192 -8.67 -19.98 21.90
C ASP B 192 -7.71 -18.85 21.50
N ILE B 194 -8.38 -17.12 18.67
CA ILE B 194 -9.24 -16.24 17.90
C ILE B 194 -10.21 -15.41 18.75
N ALA B 195 -10.34 -14.14 18.39
CA ALA B 195 -11.23 -13.19 19.06
C ALA B 195 -12.60 -13.13 18.40
N GLY B 196 -12.63 -13.36 17.09
CA GLY B 196 -13.88 -13.30 16.31
C GLY B 196 -13.68 -13.80 14.88
N LYS B 197 -14.77 -14.20 14.24
CA LYS B 197 -14.67 -14.80 12.92
C LYS B 197 -15.97 -14.63 12.16
N LYS B 198 -15.86 -14.26 10.89
CA LYS B 198 -17.01 -14.13 10.03
C LYS B 198 -16.66 -14.87 8.75
N ARG B 199 -17.32 -16.00 8.52
CA ARG B 199 -17.18 -16.80 7.30
C ARG B 199 -18.37 -16.50 6.43
N ALA B 200 -18.12 -16.17 5.17
CA ALA B 200 -19.20 -15.84 4.26
C ALA B 200 -19.12 -16.69 3.00
N GLU B 201 -20.02 -17.68 2.89
CA GLU B 201 -20.14 -18.42 1.66
C GLU B 201 -20.74 -17.38 0.69
N LEU B 202 -20.20 -17.28 -0.52
CA LEU B 202 -20.63 -16.26 -1.50
C LEU B 202 -21.15 -16.81 -2.83
N GLN B 203 -22.15 -16.13 -3.35
CA GLN B 203 -22.79 -16.43 -4.61
C GLN B 203 -21.96 -15.76 -5.71
N VAL B 204 -21.29 -16.54 -6.56
CA VAL B 204 -20.45 -15.99 -7.62
C VAL B 204 -21.22 -15.17 -8.67
N LEU B 205 -20.65 -14.04 -9.09
CA LEU B 205 -21.27 -13.16 -10.08
C LEU B 205 -20.48 -13.17 -11.37
N LYS B 206 -19.23 -12.73 -11.30
CA LYS B 206 -18.35 -12.79 -12.48
C LYS B 206 -16.90 -12.85 -12.02
N ILE B 207 -16.16 -13.82 -12.55
CA ILE B 207 -14.73 -14.02 -12.25
C ILE B 207 -13.90 -14.13 -13.52
N GLU B 208 -12.82 -13.36 -13.58
CA GLU B 208 -11.84 -13.41 -14.69
C GLU B 208 -10.47 -13.21 -14.09
N ASN B 209 -9.53 -14.10 -14.43
CA ASN B 209 -8.18 -13.97 -13.92
C ASN B 209 -7.16 -14.56 -14.88
N LYS B 210 -5.91 -14.10 -14.77
CA LYS B 210 -4.81 -14.58 -15.61
C LYS B 210 -4.47 -16.02 -15.29
N GLY B 211 -4.54 -16.36 -14.01
CA GLY B 211 -4.24 -17.70 -13.53
C GLY B 211 -2.76 -17.93 -13.39
N GLY B 212 -2.41 -18.99 -12.67
CA GLY B 212 -1.03 -19.37 -12.46
C GLY B 212 -0.28 -18.53 -11.44
N LEU B 213 -0.99 -17.76 -10.63
CA LEU B 213 -0.33 -16.93 -9.64
C LEU B 213 0.31 -17.82 -8.59
N ASP B 214 1.48 -17.44 -8.09
CA ASP B 214 2.20 -18.24 -7.09
C ASP B 214 3.12 -17.33 -6.29
N TYR B 215 2.56 -16.64 -5.31
CA TYR B 215 3.30 -15.66 -4.52
C TYR B 215 3.33 -15.98 -3.05
N LYS B 216 4.46 -15.65 -2.42
CA LYS B 216 4.67 -15.80 -0.97
C LYS B 216 5.58 -14.67 -0.49
N LYS B 217 5.15 -13.90 0.52
CA LYS B 217 5.95 -12.80 1.06
C LYS B 217 7.29 -13.30 1.61
N LEU B 218 8.35 -13.09 0.83
CA LEU B 218 9.73 -13.49 1.20
C LEU B 218 9.83 -14.39 2.42
#